data_8G9K
#
_entry.id   8G9K
#
_cell.length_a   46.394
_cell.length_b   61.195
_cell.length_c   149.025
_cell.angle_alpha   90.000
_cell.angle_beta   90.000
_cell.angle_gamma   90.000
#
_symmetry.space_group_name_H-M   'P 21 21 21'
#
loop_
_entity.id
_entity.type
_entity.pdbx_description
1 polymer THR2
2 water water
#
_entity_poly.entity_id   1
_entity_poly.type   'polypeptide(L)'
_entity_poly.pdbx_seq_one_letter_code
;PKKIVKDAKEKLEKLLEDAKDGGEELALDIAEELAREAEKALKELLREGASPELIVDLAETALRALLEIAKDGGEELALD
IARILAKLAEVALEVLLKDGASPKLIVDLAKTALRALLEIAEDGGEELALDIAEILAELAEVALRVLLKDGASPKLIEDL
AKTALDALEEIARDGGEELAEDIDRILRKLEKVARDVLRKDGAS
;
_entity_poly.pdbx_strand_id   A,B
#
# COMPACT_ATOMS: atom_id res chain seq x y z
N PRO A 1 -5.25 -5.96 15.77
CA PRO A 1 -5.83 -5.39 14.54
C PRO A 1 -7.24 -5.88 14.30
N LYS A 2 -7.40 -7.20 14.09
CA LYS A 2 -8.74 -7.75 13.91
C LYS A 2 -9.58 -7.60 15.17
N LYS A 3 -8.94 -7.60 16.35
CA LYS A 3 -9.69 -7.41 17.58
C LYS A 3 -10.21 -5.98 17.70
N ILE A 4 -9.45 -5.01 17.18
CA ILE A 4 -9.87 -3.61 17.29
C ILE A 4 -11.07 -3.33 16.39
N VAL A 5 -11.09 -3.94 15.21
CA VAL A 5 -12.16 -3.64 14.25
C VAL A 5 -13.50 -4.16 14.76
N LYS A 6 -13.51 -5.35 15.37
CA LYS A 6 -14.76 -5.92 15.85
C LYS A 6 -15.36 -5.08 16.97
N ASP A 7 -14.53 -4.62 17.90
CA ASP A 7 -15.03 -3.78 18.99
C ASP A 7 -15.53 -2.43 18.45
N ALA A 8 -14.87 -1.89 17.43
CA ALA A 8 -15.26 -0.61 16.88
C ALA A 8 -16.61 -0.71 16.16
N LYS A 9 -16.76 -1.71 15.31
CA LYS A 9 -18.00 -1.87 14.55
C LYS A 9 -19.20 -2.09 15.47
N GLU A 10 -19.01 -2.86 16.55
CA GLU A 10 -20.09 -3.06 17.50
C GLU A 10 -20.50 -1.74 18.15
N LYS A 11 -19.53 -0.89 18.45
CA LYS A 11 -19.85 0.43 19.00
C LYS A 11 -20.54 1.31 17.96
N LEU A 12 -20.08 1.26 16.71
CA LEU A 12 -20.69 2.08 15.68
C LEU A 12 -22.14 1.66 15.40
N GLU A 13 -22.39 0.34 15.35
CA GLU A 13 -23.74 -0.13 15.09
C GLU A 13 -24.70 0.25 16.21
N LYS A 14 -24.27 0.06 17.46
CA LYS A 14 -25.11 0.46 18.58
C LYS A 14 -25.32 1.97 18.61
N LEU A 15 -24.26 2.73 18.33
CA LEU A 15 -24.40 4.18 18.22
C LEU A 15 -25.35 4.55 17.10
N LEU A 16 -25.27 3.83 15.96
CA LEU A 16 -26.15 4.12 14.83
C LEU A 16 -27.60 3.78 15.17
N GLU A 17 -27.84 2.64 15.83
CA GLU A 17 -29.21 2.27 16.19
C GLU A 17 -29.85 3.34 17.06
N ASP A 18 -29.06 3.97 17.93
CA ASP A 18 -29.53 5.11 18.71
C ASP A 18 -29.59 6.34 17.82
N ALA A 19 -30.69 7.08 17.93
CA ALA A 19 -30.94 8.34 17.22
C ALA A 19 -31.14 8.17 15.72
N LYS A 20 -31.17 6.94 15.22
CA LYS A 20 -31.61 6.70 13.85
C LYS A 20 -33.13 6.87 13.81
N ASP A 21 -33.59 7.94 13.16
CA ASP A 21 -35.00 8.35 13.23
C ASP A 21 -35.39 8.60 14.69
N GLY A 22 -34.60 9.42 15.38
CA GLY A 22 -34.76 9.54 16.82
C GLY A 22 -34.51 10.91 17.44
N GLY A 23 -34.63 11.98 16.66
CA GLY A 23 -34.67 13.31 17.27
C GLY A 23 -33.82 14.40 16.65
N GLU A 24 -33.05 14.07 15.61
CA GLU A 24 -32.20 15.03 14.92
C GLU A 24 -31.17 15.68 15.83
N GLU A 25 -31.63 16.45 16.82
CA GLU A 25 -30.71 17.14 17.72
C GLU A 25 -29.80 16.14 18.45
N LEU A 26 -30.35 14.97 18.82
CA LEU A 26 -29.52 13.92 19.38
C LEU A 26 -28.71 13.23 18.31
N ALA A 27 -29.24 13.15 17.08
CA ALA A 27 -28.53 12.48 15.99
C ALA A 27 -27.22 13.18 15.66
N LEU A 28 -27.21 14.52 15.74
CA LEU A 28 -25.97 15.24 15.48
C LEU A 28 -24.93 14.96 16.56
N ASP A 29 -25.35 14.87 17.81
CA ASP A 29 -24.44 14.48 18.88
C ASP A 29 -24.01 13.02 18.74
N ILE A 30 -24.94 12.16 18.33
CA ILE A 30 -24.61 10.75 18.13
C ILE A 30 -23.63 10.60 16.98
N ALA A 31 -23.82 11.38 15.91
CA ALA A 31 -22.91 11.31 14.77
C ALA A 31 -21.52 11.81 15.13
N GLU A 32 -21.44 12.86 15.94
CA GLU A 32 -20.14 13.33 16.41
C GLU A 32 -19.49 12.31 17.32
N GLU A 33 -20.27 11.67 18.18
CA GLU A 33 -19.77 10.54 18.96
C GLU A 33 -19.42 9.36 18.07
N LEU A 34 -20.16 9.18 16.97
CA LEU A 34 -19.87 8.10 16.03
C LEU A 34 -18.54 8.33 15.34
N ALA A 35 -18.33 9.52 14.78
CA ALA A 35 -17.08 9.80 14.09
C ALA A 35 -15.91 9.89 15.04
N ARG A 36 -16.14 10.34 16.28
CA ARG A 36 -15.06 10.39 17.25
C ARG A 36 -14.62 8.99 17.67
N GLU A 37 -15.58 8.06 17.78
CA GLU A 37 -15.24 6.69 18.12
C GLU A 37 -14.50 6.01 16.98
N ALA A 38 -14.90 6.28 15.74
CA ALA A 38 -14.21 5.70 14.59
C ALA A 38 -12.81 6.29 14.43
N GLU A 39 -12.66 7.59 14.64
CA GLU A 39 -11.35 8.23 14.52
C GLU A 39 -10.38 7.68 15.55
N LYS A 40 -10.86 7.36 16.76
CA LYS A 40 -9.99 6.80 17.78
C LYS A 40 -9.61 5.36 17.45
N ALA A 41 -10.51 4.60 16.83
CA ALA A 41 -10.20 3.24 16.46
C ALA A 41 -9.26 3.19 15.25
N LEU A 42 -9.41 4.13 14.32
CA LEU A 42 -8.48 4.22 13.19
C LEU A 42 -7.07 4.52 13.66
N LYS A 43 -6.92 5.50 14.56
CA LYS A 43 -5.62 5.76 15.17
C LYS A 43 -5.12 4.55 15.95
N GLU A 44 -6.04 3.79 16.55
CA GLU A 44 -5.65 2.59 17.28
C GLU A 44 -5.12 1.51 16.33
N LEU A 45 -5.78 1.35 15.17
CA LEU A 45 -5.32 0.37 14.20
C LEU A 45 -3.92 0.73 13.68
N LEU A 46 -3.65 2.02 13.50
CA LEU A 46 -2.33 2.44 13.04
C LEU A 46 -1.26 2.13 14.07
N ARG A 47 -1.56 2.33 15.35
CA ARG A 47 -0.55 2.13 16.39
C ARG A 47 -0.23 0.66 16.59
N GLU A 48 -1.21 -0.23 16.42
CA GLU A 48 -1.01 -1.66 16.64
C GLU A 48 -0.62 -2.40 15.37
N GLY A 49 -0.29 -1.70 14.29
CA GLY A 49 0.16 -2.33 13.08
C GLY A 49 -0.91 -3.15 12.37
N ALA A 50 -1.96 -2.49 11.92
CA ALA A 50 -3.06 -3.14 11.23
C ALA A 50 -2.86 -3.04 9.71
N SER A 51 -3.51 -3.97 9.00
CA SER A 51 -3.44 -3.97 7.56
C SER A 51 -4.26 -2.82 6.98
N PRO A 52 -3.86 -2.30 5.81
CA PRO A 52 -4.65 -1.21 5.19
C PRO A 52 -6.08 -1.62 4.87
N GLU A 53 -6.32 -2.90 4.58
CA GLU A 53 -7.66 -3.35 4.26
C GLU A 53 -8.58 -3.26 5.47
N LEU A 54 -8.05 -3.56 6.67
CA LEU A 54 -8.84 -3.42 7.88
C LEU A 54 -9.17 -1.95 8.16
N ILE A 55 -8.24 -1.05 7.84
CA ILE A 55 -8.50 0.38 8.03
C ILE A 55 -9.58 0.85 7.06
N VAL A 56 -9.53 0.38 5.81
CA VAL A 56 -10.54 0.74 4.83
C VAL A 56 -11.91 0.24 5.25
N ASP A 57 -11.97 -1.00 5.75
CA ASP A 57 -13.24 -1.59 6.14
C ASP A 57 -13.89 -0.80 7.27
N LEU A 58 -13.11 -0.47 8.31
CA LEU A 58 -13.67 0.28 9.43
C LEU A 58 -14.07 1.68 9.00
N ALA A 59 -13.27 2.33 8.14
CA ALA A 59 -13.60 3.67 7.69
C ALA A 59 -14.87 3.67 6.87
N GLU A 60 -15.00 2.76 5.91
CA GLU A 60 -16.20 2.69 5.08
C GLU A 60 -17.44 2.38 5.91
N THR A 61 -17.29 1.51 6.92
CA THR A 61 -18.42 1.22 7.80
C THR A 61 -18.89 2.46 8.52
N ALA A 62 -17.96 3.29 8.98
CA ALA A 62 -18.34 4.52 9.67
C ALA A 62 -18.95 5.54 8.71
N LEU A 63 -18.36 5.69 7.52
CA LEU A 63 -18.89 6.64 6.56
C LEU A 63 -20.31 6.30 6.15
N ARG A 64 -20.61 5.02 5.96
CA ARG A 64 -21.98 4.62 5.62
C ARG A 64 -22.91 4.82 6.80
N ALA A 65 -22.43 4.60 8.02
CA ALA A 65 -23.24 4.83 9.20
C ALA A 65 -23.64 6.29 9.31
N LEU A 66 -22.72 7.20 9.04
CA LEU A 66 -23.05 8.63 8.98
C LEU A 66 -24.01 8.90 7.84
N LEU A 67 -23.84 8.21 6.71
CA LEU A 67 -24.70 8.43 5.55
C LEU A 67 -26.15 8.11 5.88
N GLU A 68 -26.39 7.05 6.67
CA GLU A 68 -27.75 6.69 7.03
C GLU A 68 -28.40 7.75 7.90
N ILE A 69 -27.63 8.36 8.82
CA ILE A 69 -28.17 9.41 9.67
C ILE A 69 -28.54 10.63 8.86
N ALA A 70 -27.75 10.93 7.82
CA ALA A 70 -27.95 12.15 7.04
C ALA A 70 -29.19 12.07 6.15
N LYS A 71 -29.52 10.88 5.64
CA LYS A 71 -30.58 10.78 4.65
C LYS A 71 -31.97 10.90 5.28
N ASP A 72 -32.22 10.16 6.37
CA ASP A 72 -33.55 10.21 6.97
C ASP A 72 -33.80 11.50 7.76
N GLY A 73 -32.87 12.45 7.74
CA GLY A 73 -33.03 13.71 8.42
C GLY A 73 -33.26 14.87 7.47
N GLY A 74 -33.22 16.07 8.03
CA GLY A 74 -33.43 17.27 7.25
C GLY A 74 -32.17 17.72 6.52
N GLU A 75 -32.34 18.78 5.73
CA GLU A 75 -31.21 19.30 4.96
C GLU A 75 -30.17 19.95 5.87
N GLU A 76 -30.61 20.61 6.93
CA GLU A 76 -29.66 21.20 7.88
C GLU A 76 -28.82 20.12 8.55
N LEU A 77 -29.44 19.01 8.95
CA LEU A 77 -28.68 17.90 9.52
C LEU A 77 -27.82 17.22 8.45
N ALA A 78 -28.34 17.11 7.23
CA ALA A 78 -27.58 16.46 6.16
C ALA A 78 -26.27 17.20 5.89
N LEU A 79 -26.31 18.53 5.90
CA LEU A 79 -25.09 19.30 5.72
C LEU A 79 -24.14 19.12 6.90
N ASP A 80 -24.69 19.02 8.12
CA ASP A 80 -23.84 18.82 9.29
C ASP A 80 -23.18 17.44 9.26
N ILE A 81 -23.90 16.42 8.79
CA ILE A 81 -23.31 15.10 8.70
C ILE A 81 -22.25 15.05 7.61
N ALA A 82 -22.49 15.77 6.51
CA ALA A 82 -21.55 15.74 5.39
C ALA A 82 -20.21 16.34 5.77
N ARG A 83 -20.21 17.42 6.56
CA ARG A 83 -18.96 17.98 7.05
C ARG A 83 -18.24 17.00 7.97
N ILE A 84 -19.00 16.32 8.84
CA ILE A 84 -18.41 15.32 9.70
C ILE A 84 -17.90 14.13 8.89
N LEU A 85 -18.65 13.73 7.87
CA LEU A 85 -18.24 12.60 7.04
C LEU A 85 -16.95 12.91 6.28
N ALA A 86 -16.82 14.13 5.77
CA ALA A 86 -15.62 14.50 5.03
C ALA A 86 -14.39 14.57 5.94
N LYS A 87 -14.55 15.15 7.13
CA LYS A 87 -13.45 15.21 8.08
C LYS A 87 -12.98 13.81 8.47
N LEU A 88 -13.91 12.91 8.73
CA LEU A 88 -13.54 11.55 9.10
C LEU A 88 -12.84 10.83 7.95
N ALA A 89 -13.33 11.04 6.72
CA ALA A 89 -12.67 10.43 5.56
C ALA A 89 -11.25 10.96 5.39
N GLU A 90 -11.02 12.24 5.68
CA GLU A 90 -9.68 12.79 5.59
C GLU A 90 -8.75 12.13 6.61
N VAL A 91 -9.23 11.91 7.83
CA VAL A 91 -8.44 11.21 8.83
C VAL A 91 -8.11 9.80 8.37
N ALA A 92 -9.11 9.10 7.82
CA ALA A 92 -8.90 7.73 7.36
C ALA A 92 -7.91 7.68 6.21
N LEU A 93 -7.98 8.65 5.29
CA LEU A 93 -7.03 8.71 4.19
C LEU A 93 -5.61 8.94 4.69
N GLU A 94 -5.45 9.84 5.65
CA GLU A 94 -4.12 10.11 6.20
C GLU A 94 -3.60 8.91 6.98
N VAL A 95 -4.48 8.20 7.69
CA VAL A 95 -4.07 6.99 8.39
C VAL A 95 -3.60 5.93 7.41
N LEU A 96 -4.30 5.79 6.28
CA LEU A 96 -3.86 4.86 5.25
C LEU A 96 -2.48 5.22 4.73
N LEU A 97 -2.22 6.51 4.51
CA LEU A 97 -0.91 6.95 4.05
C LEU A 97 0.17 6.66 5.09
N LYS A 98 -0.14 6.87 6.37
CA LYS A 98 0.83 6.60 7.42
C LYS A 98 1.03 5.10 7.63
N ASP A 99 -0.01 4.30 7.38
CA ASP A 99 0.08 2.85 7.56
C ASP A 99 0.87 2.18 6.44
N GLY A 100 1.05 2.83 5.30
CA GLY A 100 1.69 2.22 4.17
C GLY A 100 0.74 1.56 3.20
N ALA A 101 -0.46 2.10 3.02
CA ALA A 101 -1.45 1.51 2.15
C ALA A 101 -1.05 1.68 0.68
N SER A 102 -1.64 0.84 -0.16
CA SER A 102 -1.44 0.95 -1.60
C SER A 102 -2.27 2.09 -2.16
N PRO A 103 -1.91 2.61 -3.34
CA PRO A 103 -2.74 3.66 -3.94
C PRO A 103 -4.14 3.19 -4.28
N LYS A 104 -4.32 1.91 -4.62
CA LYS A 104 -5.65 1.41 -4.96
C LYS A 104 -6.60 1.51 -3.77
N LEU A 105 -6.13 1.13 -2.59
CA LEU A 105 -6.99 1.18 -1.40
C LEU A 105 -7.34 2.62 -1.04
N ILE A 106 -6.39 3.54 -1.23
CA ILE A 106 -6.67 4.96 -1.02
C ILE A 106 -7.73 5.45 -2.02
N VAL A 107 -7.60 5.03 -3.28
CA VAL A 107 -8.60 5.40 -4.28
C VAL A 107 -9.96 4.82 -3.93
N ASP A 108 -9.99 3.58 -3.44
N ASP A 108 -9.99 3.58 -3.45
CA ASP A 108 -11.26 2.93 -3.11
CA ASP A 108 -11.26 2.93 -3.11
C ASP A 108 -11.96 3.67 -1.98
C ASP A 108 -11.96 3.69 -1.99
N LEU A 109 -11.24 4.01 -0.91
CA LEU A 109 -11.84 4.72 0.21
C LEU A 109 -12.29 6.12 -0.22
N ALA A 110 -11.47 6.81 -1.00
CA ALA A 110 -11.84 8.14 -1.48
C ALA A 110 -13.12 8.10 -2.29
N LYS A 111 -13.23 7.14 -3.21
CA LYS A 111 -14.42 7.02 -4.03
C LYS A 111 -15.65 6.75 -3.18
N THR A 112 -15.54 5.85 -2.20
CA THR A 112 -16.63 5.60 -1.27
C THR A 112 -17.10 6.90 -0.62
N ALA A 113 -16.16 7.72 -0.16
CA ALA A 113 -16.53 8.97 0.51
C ALA A 113 -17.13 9.98 -0.47
N LEU A 114 -16.56 10.08 -1.67
CA LEU A 114 -17.10 11.01 -2.66
C LEU A 114 -18.51 10.61 -3.08
N ARG A 115 -18.77 9.31 -3.19
CA ARG A 115 -20.12 8.85 -3.51
C ARG A 115 -21.07 9.09 -2.34
N ALA A 116 -20.58 8.96 -1.11
CA ALA A 116 -21.42 9.21 0.05
C ALA A 116 -21.89 10.66 0.11
N LEU A 117 -20.98 11.60 -0.17
CA LEU A 117 -21.36 13.00 -0.25
C LEU A 117 -22.33 13.24 -1.39
N LEU A 118 -22.07 12.64 -2.55
CA LEU A 118 -22.96 12.79 -3.70
C LEU A 118 -24.36 12.27 -3.37
N GLU A 119 -24.44 11.20 -2.57
CA GLU A 119 -25.73 10.64 -2.20
C GLU A 119 -26.48 11.56 -1.25
N ILE A 120 -25.76 12.39 -0.48
CA ILE A 120 -26.43 13.37 0.38
C ILE A 120 -26.97 14.52 -0.44
N ALA A 121 -26.22 14.99 -1.43
CA ALA A 121 -26.75 16.00 -2.34
C ALA A 121 -27.94 15.48 -3.13
N GLU A 122 -27.94 14.18 -3.43
CA GLU A 122 -29.10 13.57 -4.07
C GLU A 122 -30.32 13.69 -3.18
N ASP A 123 -31.48 13.94 -3.80
CA ASP A 123 -32.74 14.13 -3.09
C ASP A 123 -32.65 15.31 -2.12
N GLY A 124 -31.86 16.33 -2.47
CA GLY A 124 -31.76 17.53 -1.68
C GLY A 124 -31.91 18.76 -2.56
N GLY A 125 -32.05 19.91 -1.89
CA GLY A 125 -32.23 21.16 -2.60
C GLY A 125 -30.96 21.62 -3.30
N GLU A 126 -31.10 22.69 -4.08
CA GLU A 126 -29.95 23.23 -4.80
C GLU A 126 -28.99 23.96 -3.86
N GLU A 127 -29.51 24.60 -2.82
CA GLU A 127 -28.64 25.23 -1.83
C GLU A 127 -27.77 24.20 -1.13
N LEU A 128 -28.36 23.05 -0.78
CA LEU A 128 -27.59 21.97 -0.20
C LEU A 128 -26.63 21.36 -1.21
N ALA A 129 -27.06 21.28 -2.48
CA ALA A 129 -26.23 20.69 -3.52
C ALA A 129 -24.93 21.47 -3.69
N LEU A 130 -25.01 22.80 -3.73
CA LEU A 130 -23.82 23.61 -3.86
C LEU A 130 -22.92 23.48 -2.64
N ASP A 131 -23.52 23.35 -1.45
CA ASP A 131 -22.72 23.16 -0.24
C ASP A 131 -22.03 21.80 -0.24
N ILE A 132 -22.72 20.76 -0.72
CA ILE A 132 -22.11 19.44 -0.78
C ILE A 132 -20.99 19.41 -1.82
N ALA A 133 -21.17 20.10 -2.94
CA ALA A 133 -20.16 20.08 -3.99
C ALA A 133 -18.87 20.75 -3.55
N GLU A 134 -18.98 21.85 -2.78
CA GLU A 134 -17.78 22.49 -2.26
C GLU A 134 -17.05 21.59 -1.28
N ILE A 135 -17.80 20.84 -0.47
CA ILE A 135 -17.18 19.87 0.44
C ILE A 135 -16.56 18.73 -0.37
N LEU A 136 -17.25 18.27 -1.41
CA LEU A 136 -16.74 17.18 -2.23
C LEU A 136 -15.45 17.57 -2.94
N ALA A 137 -15.40 18.80 -3.47
CA ALA A 137 -14.20 19.25 -4.18
C ALA A 137 -13.01 19.33 -3.24
N GLU A 138 -13.24 19.76 -2.00
CA GLU A 138 -12.14 19.87 -1.04
C GLU A 138 -11.63 18.49 -0.63
N LEU A 139 -12.55 17.55 -0.37
CA LEU A 139 -12.13 16.19 -0.05
C LEU A 139 -11.43 15.54 -1.24
N ALA A 140 -11.88 15.84 -2.47
CA ALA A 140 -11.22 15.32 -3.65
C ALA A 140 -9.77 15.78 -3.72
N GLU A 141 -9.52 17.07 -3.45
CA GLU A 141 -8.15 17.57 -3.46
C GLU A 141 -7.31 16.90 -2.39
N VAL A 142 -7.88 16.66 -1.21
CA VAL A 142 -7.15 16.00 -0.14
C VAL A 142 -6.73 14.60 -0.56
N ALA A 143 -7.66 13.85 -1.18
CA ALA A 143 -7.35 12.49 -1.60
C ALA A 143 -6.33 12.47 -2.73
N LEU A 144 -6.43 13.43 -3.66
CA LEU A 144 -5.48 13.48 -4.77
C LEU A 144 -4.07 13.75 -4.29
N ARG A 145 -3.91 14.65 -3.32
CA ARG A 145 -2.58 14.96 -2.82
C ARG A 145 -2.02 13.82 -1.97
N VAL A 146 -2.90 13.11 -1.24
CA VAL A 146 -2.46 11.93 -0.52
C VAL A 146 -1.99 10.85 -1.49
N LEU A 147 -2.73 10.66 -2.57
CA LEU A 147 -2.32 9.71 -3.61
C LEU A 147 -0.93 10.03 -4.14
N LEU A 148 -0.66 11.31 -4.40
CA LEU A 148 0.65 11.71 -4.90
C LEU A 148 1.74 11.38 -3.90
N LYS A 149 1.49 11.62 -2.60
CA LYS A 149 2.49 11.32 -1.59
C LYS A 149 2.73 9.83 -1.45
N ASP A 150 1.74 9.00 -1.79
CA ASP A 150 1.84 7.55 -1.64
C ASP A 150 2.50 6.88 -2.84
N GLY A 151 2.94 7.64 -3.83
CA GLY A 151 3.55 7.05 -5.01
C GLY A 151 2.57 6.49 -6.02
N ALA A 152 1.39 7.08 -6.12
CA ALA A 152 0.39 6.61 -7.07
C ALA A 152 0.80 6.95 -8.50
N SER A 153 0.33 6.12 -9.43
CA SER A 153 0.60 6.35 -10.84
C SER A 153 -0.31 7.44 -11.39
N PRO A 154 0.01 7.99 -12.56
CA PRO A 154 -0.92 8.94 -13.20
C PRO A 154 -2.28 8.33 -13.49
N LYS A 155 -2.34 7.03 -13.77
CA LYS A 155 -3.62 6.39 -14.09
C LYS A 155 -4.57 6.44 -12.91
N LEU A 156 -4.08 6.03 -11.73
CA LEU A 156 -4.92 6.03 -10.54
C LEU A 156 -5.30 7.45 -10.12
N ILE A 157 -4.35 8.38 -10.23
CA ILE A 157 -4.63 9.77 -9.86
C ILE A 157 -5.67 10.36 -10.80
N GLU A 158 -5.50 10.15 -12.12
CA GLU A 158 -6.48 10.64 -13.08
C GLU A 158 -7.82 9.94 -12.92
N ASP A 159 -7.80 8.69 -12.45
CA ASP A 159 -9.05 7.96 -12.22
C ASP A 159 -9.85 8.58 -11.09
N LEU A 160 -9.19 8.86 -9.96
CA LEU A 160 -9.87 9.51 -8.84
C LEU A 160 -10.34 10.90 -9.21
N ALA A 161 -9.56 11.62 -10.04
CA ALA A 161 -9.97 12.94 -10.48
C ALA A 161 -11.24 12.88 -11.32
N LYS A 162 -11.30 11.92 -12.25
CA LYS A 162 -12.49 11.76 -13.09
C LYS A 162 -13.73 11.50 -12.24
N THR A 163 -13.61 10.62 -11.24
CA THR A 163 -14.74 10.33 -10.37
C THR A 163 -15.26 11.59 -9.69
N ALA A 164 -14.34 12.43 -9.19
CA ALA A 164 -14.75 13.64 -8.48
C ALA A 164 -15.31 14.68 -9.45
N LEU A 165 -14.73 14.80 -10.64
CA LEU A 165 -15.24 15.74 -11.63
C LEU A 165 -16.60 15.29 -12.15
N ASP A 166 -16.77 13.97 -12.36
CA ASP A 166 -18.06 13.45 -12.79
C ASP A 166 -19.12 13.67 -11.70
N ALA A 167 -18.75 13.48 -10.44
CA ALA A 167 -19.70 13.69 -9.35
C ALA A 167 -20.18 15.14 -9.32
N LEU A 168 -19.30 16.09 -9.63
CA LEU A 168 -19.71 17.49 -9.69
C LEU A 168 -20.66 17.73 -10.88
N GLU A 169 -20.39 17.08 -12.01
CA GLU A 169 -21.26 17.24 -13.17
C GLU A 169 -22.64 16.63 -12.93
N GLU A 170 -22.71 15.54 -12.15
CA GLU A 170 -24.01 14.96 -11.83
C GLU A 170 -24.85 15.90 -10.98
N ILE A 171 -24.22 16.67 -10.11
CA ILE A 171 -24.95 17.67 -9.33
C ILE A 171 -25.47 18.77 -10.24
N ALA A 172 -24.68 19.16 -11.24
CA ALA A 172 -25.11 20.20 -12.18
C ALA A 172 -26.28 19.72 -13.04
N ARG A 173 -26.32 18.44 -13.39
CA ARG A 173 -27.45 17.91 -14.14
C ARG A 173 -28.72 18.02 -13.31
N ASP A 174 -29.83 18.31 -14.00
CA ASP A 174 -31.14 18.52 -13.35
C ASP A 174 -31.07 19.63 -12.30
N GLY A 175 -30.22 20.64 -12.55
CA GLY A 175 -30.15 21.80 -11.69
C GLY A 175 -30.35 23.08 -12.50
N GLY A 176 -30.59 24.16 -11.77
CA GLY A 176 -30.78 25.45 -12.42
C GLY A 176 -29.53 25.94 -13.12
N GLU A 177 -29.72 26.90 -14.04
CA GLU A 177 -28.59 27.51 -14.71
C GLU A 177 -27.68 28.21 -13.71
N GLU A 178 -28.26 28.80 -12.66
CA GLU A 178 -27.46 29.43 -11.61
C GLU A 178 -26.64 28.41 -10.85
N LEU A 179 -27.16 27.17 -10.69
CA LEU A 179 -26.38 26.13 -10.04
C LEU A 179 -25.28 25.60 -10.96
N ALA A 180 -25.51 25.59 -12.27
CA ALA A 180 -24.54 25.04 -13.20
C ALA A 180 -23.24 25.84 -13.20
N GLU A 181 -23.35 27.17 -13.27
CA GLU A 181 -22.16 28.01 -13.29
C GLU A 181 -21.48 28.05 -11.92
N ASP A 182 -22.23 27.83 -10.85
CA ASP A 182 -21.62 27.70 -9.53
C ASP A 182 -20.80 26.42 -9.43
N ILE A 183 -21.30 25.33 -10.02
CA ILE A 183 -20.54 24.09 -10.08
C ILE A 183 -19.39 24.23 -11.08
N ASP A 184 -19.60 24.97 -12.17
CA ASP A 184 -18.58 25.13 -13.19
C ASP A 184 -17.34 25.80 -12.62
N ARG A 185 -17.53 26.83 -11.78
CA ARG A 185 -16.39 27.46 -11.13
C ARG A 185 -15.66 26.49 -10.21
N ILE A 186 -16.40 25.58 -9.58
CA ILE A 186 -15.78 24.58 -8.72
C ILE A 186 -15.06 23.53 -9.56
N LEU A 187 -15.63 23.16 -10.71
CA LEU A 187 -14.99 22.19 -11.59
C LEU A 187 -13.65 22.71 -12.08
N ARG A 188 -13.58 23.98 -12.48
CA ARG A 188 -12.34 24.53 -13.02
C ARG A 188 -11.24 24.58 -11.96
N LYS A 189 -11.60 24.80 -10.70
CA LYS A 189 -10.58 24.82 -9.64
C LYS A 189 -10.09 23.41 -9.33
N LEU A 190 -10.98 22.42 -9.36
CA LEU A 190 -10.57 21.04 -9.17
C LEU A 190 -9.75 20.54 -10.36
N GLU A 191 -10.03 21.06 -11.56
CA GLU A 191 -9.30 20.64 -12.75
C GLU A 191 -7.84 21.08 -12.68
N LYS A 192 -7.59 22.33 -12.28
CA LYS A 192 -6.21 22.80 -12.18
C LYS A 192 -5.48 22.11 -11.03
N VAL A 193 -6.20 21.76 -9.96
CA VAL A 193 -5.62 20.97 -8.88
C VAL A 193 -5.14 19.63 -9.41
N ALA A 194 -5.99 18.96 -10.20
CA ALA A 194 -5.62 17.67 -10.77
C ALA A 194 -4.47 17.81 -11.75
N ARG A 195 -4.45 18.88 -12.53
CA ARG A 195 -3.33 19.09 -13.46
C ARG A 195 -2.03 19.32 -12.70
N ASP A 196 -2.07 20.09 -11.61
CA ASP A 196 -0.86 20.33 -10.84
CA ASP A 196 -0.87 20.33 -10.84
C ASP A 196 -0.35 19.05 -10.20
N VAL A 197 -1.25 18.21 -9.69
CA VAL A 197 -0.84 16.96 -9.06
C VAL A 197 -0.30 15.98 -10.11
N LEU A 198 -0.94 15.94 -11.29
CA LEU A 198 -0.49 15.01 -12.33
C LEU A 198 0.86 15.40 -12.89
N ARG A 199 1.20 16.69 -12.87
CA ARG A 199 2.52 17.14 -13.32
C ARG A 199 3.57 16.80 -12.28
N PRO B 1 -0.26 -10.47 15.05
CA PRO B 1 0.27 -9.17 14.63
C PRO B 1 1.68 -8.93 15.18
N LYS B 2 1.78 -8.03 16.17
CA LYS B 2 3.06 -7.85 16.85
C LYS B 2 3.51 -9.11 17.56
N LYS B 3 2.54 -9.92 18.02
CA LYS B 3 2.89 -11.17 18.70
C LYS B 3 3.45 -12.20 17.72
N ILE B 4 3.02 -12.16 16.46
CA ILE B 4 3.50 -13.12 15.48
C ILE B 4 4.95 -12.83 15.12
N VAL B 5 5.33 -11.56 15.03
CA VAL B 5 6.68 -11.20 14.61
C VAL B 5 7.70 -11.61 15.66
N LYS B 6 7.35 -11.49 16.95
CA LYS B 6 8.30 -11.82 18.01
C LYS B 6 8.59 -13.32 18.04
N ASP B 7 7.56 -14.15 17.86
CA ASP B 7 7.78 -15.59 17.83
C ASP B 7 8.59 -16.01 16.61
N ALA B 8 8.40 -15.32 15.48
CA ALA B 8 9.08 -15.70 14.25
C ALA B 8 10.57 -15.37 14.33
N LYS B 9 10.91 -14.18 14.80
CA LYS B 9 12.32 -13.80 14.90
C LYS B 9 13.04 -14.66 15.92
N GLU B 10 12.35 -15.14 16.95
CA GLU B 10 12.97 -16.04 17.92
C GLU B 10 13.33 -17.37 17.27
N LYS B 11 12.43 -17.91 16.44
CA LYS B 11 12.74 -19.15 15.72
C LYS B 11 13.83 -18.94 14.68
N LEU B 12 13.86 -17.77 14.03
CA LEU B 12 14.87 -17.51 13.03
C LEU B 12 16.27 -17.41 13.64
N GLU B 13 16.39 -16.70 14.77
CA GLU B 13 17.68 -16.54 15.41
C GLU B 13 18.21 -17.86 15.94
N LYS B 14 17.32 -18.72 16.48
CA LYS B 14 17.75 -20.02 16.94
C LYS B 14 18.14 -20.91 15.77
N LEU B 15 17.37 -20.88 14.68
CA LEU B 15 17.75 -21.61 13.47
C LEU B 15 19.08 -21.10 12.93
N LEU B 16 19.29 -19.79 12.99
CA LEU B 16 20.54 -19.22 12.48
C LEU B 16 21.74 -19.65 13.33
N GLU B 17 21.54 -19.74 14.65
CA GLU B 17 22.63 -20.17 15.52
C GLU B 17 23.05 -21.61 15.21
N ASP B 18 22.09 -22.45 14.83
CA ASP B 18 22.41 -23.81 14.43
C ASP B 18 22.97 -23.82 13.02
N ALA B 19 23.86 -24.78 12.76
CA ALA B 19 24.43 -25.04 11.44
C ALA B 19 25.32 -23.91 10.94
N LYS B 20 25.33 -22.78 11.64
CA LYS B 20 26.32 -21.73 11.38
C LYS B 20 27.63 -22.15 12.03
N ASP B 21 28.65 -22.41 11.21
CA ASP B 21 29.87 -23.07 11.66
C ASP B 21 29.54 -24.42 12.29
N GLY B 22 28.75 -25.22 11.57
CA GLY B 22 28.31 -26.51 12.07
C GLY B 22 28.08 -27.54 10.98
N GLY B 23 28.31 -27.17 9.72
CA GLY B 23 28.17 -28.11 8.62
C GLY B 23 27.44 -27.55 7.42
N GLU B 24 27.97 -27.78 6.23
CA GLU B 24 27.35 -27.26 5.01
C GLU B 24 26.06 -28.02 4.69
N GLU B 25 26.10 -29.35 4.72
CA GLU B 25 24.90 -30.12 4.44
C GLU B 25 23.80 -29.85 5.45
N LEU B 26 24.16 -29.52 6.68
CA LEU B 26 23.17 -29.15 7.69
C LEU B 26 22.70 -27.72 7.52
N ALA B 27 23.59 -26.82 7.07
CA ALA B 27 23.19 -25.43 6.86
C ALA B 27 22.14 -25.31 5.77
N LEU B 28 22.25 -26.14 4.72
CA LEU B 28 21.26 -26.11 3.65
C LEU B 28 19.89 -26.57 4.15
N ASP B 29 19.87 -27.61 4.99
CA ASP B 29 18.61 -28.05 5.57
C ASP B 29 18.06 -27.03 6.56
N ILE B 30 18.94 -26.42 7.34
CA ILE B 30 18.51 -25.40 8.29
C ILE B 30 17.99 -24.16 7.57
N ALA B 31 18.63 -23.79 6.46
CA ALA B 31 18.17 -22.63 5.69
C ALA B 31 16.80 -22.88 5.10
N GLU B 32 16.56 -24.08 4.57
CA GLU B 32 15.24 -24.42 4.05
C GLU B 32 14.21 -24.46 5.17
N GLU B 33 14.62 -24.82 6.38
CA GLU B 33 13.72 -24.73 7.52
C GLU B 33 13.56 -23.29 8.00
N LEU B 34 14.61 -22.48 7.85
CA LEU B 34 14.51 -21.07 8.19
C LEU B 34 13.62 -20.32 7.20
N ALA B 35 13.74 -20.65 5.91
CA ALA B 35 12.89 -20.01 4.91
C ALA B 35 11.44 -20.45 5.04
N ARG B 36 11.21 -21.72 5.42
CA ARG B 36 9.84 -22.20 5.59
C ARG B 36 9.18 -21.56 6.81
N GLU B 37 9.93 -21.45 7.92
CA GLU B 37 9.40 -20.78 9.10
C GLU B 37 9.06 -19.32 8.80
N ALA B 38 9.89 -18.66 7.99
CA ALA B 38 9.60 -17.28 7.61
C ALA B 38 8.39 -17.22 6.70
N GLU B 39 8.27 -18.14 5.74
CA GLU B 39 7.14 -18.13 4.82
C GLU B 39 5.82 -18.34 5.55
N LYS B 40 5.81 -19.24 6.54
CA LYS B 40 4.58 -19.47 7.29
C LYS B 40 4.22 -18.25 8.15
N ALA B 41 5.22 -17.61 8.76
CA ALA B 41 4.96 -16.43 9.57
C ALA B 41 4.50 -15.25 8.73
N LEU B 42 5.02 -15.13 7.51
CA LEU B 42 4.55 -14.08 6.60
C LEU B 42 3.10 -14.31 6.21
N LYS B 43 2.76 -15.55 5.82
CA LYS B 43 1.38 -15.89 5.52
C LYS B 43 0.49 -15.74 6.75
N GLU B 44 1.04 -15.95 7.94
CA GLU B 44 0.27 -15.76 9.16
C GLU B 44 -0.01 -14.29 9.40
N LEU B 45 0.98 -13.43 9.17
CA LEU B 45 0.76 -11.99 9.30
C LEU B 45 -0.29 -11.49 8.32
N LEU B 46 -0.36 -12.09 7.12
CA LEU B 46 -1.36 -11.69 6.15
C LEU B 46 -2.76 -12.09 6.60
N ARG B 47 -2.89 -13.27 7.20
CA ARG B 47 -4.20 -13.75 7.63
C ARG B 47 -4.76 -12.90 8.77
N GLU B 48 -3.91 -12.54 9.72
CA GLU B 48 -4.34 -11.82 10.91
C GLU B 48 -4.37 -10.31 10.71
N GLY B 49 -4.21 -9.83 9.48
CA GLY B 49 -4.29 -8.42 9.20
C GLY B 49 -3.17 -7.59 9.80
N ALA B 50 -1.93 -7.89 9.41
CA ALA B 50 -0.78 -7.15 9.90
C ALA B 50 -0.44 -6.01 8.95
N SER B 51 0.27 -5.02 9.47
CA SER B 51 0.68 -3.88 8.67
C SER B 51 1.78 -4.31 7.69
N PRO B 52 1.87 -3.63 6.54
CA PRO B 52 2.97 -3.96 5.61
C PRO B 52 4.34 -3.71 6.20
N GLU B 53 4.47 -2.80 7.15
CA GLU B 53 5.78 -2.51 7.74
C GLU B 53 6.27 -3.68 8.59
N LEU B 54 5.36 -4.36 9.29
CA LEU B 54 5.74 -5.58 10.01
C LEU B 54 6.17 -6.67 9.05
N ILE B 55 5.46 -6.80 7.93
CA ILE B 55 5.80 -7.83 6.93
C ILE B 55 7.19 -7.56 6.36
N VAL B 56 7.49 -6.31 6.04
CA VAL B 56 8.81 -5.95 5.53
C VAL B 56 9.88 -6.28 6.57
N ASP B 57 9.62 -5.95 7.83
CA ASP B 57 10.60 -6.20 8.89
C ASP B 57 10.95 -7.67 9.00
N LEU B 58 9.94 -8.53 9.13
CA LEU B 58 10.18 -9.96 9.26
C LEU B 58 10.86 -10.53 8.01
N ALA B 59 10.44 -10.07 6.83
CA ALA B 59 11.04 -10.57 5.60
C ALA B 59 12.51 -10.19 5.51
N GLU B 60 12.84 -8.94 5.83
CA GLU B 60 14.24 -8.50 5.77
C GLU B 60 15.09 -9.26 6.78
N THR B 61 14.54 -9.54 7.96
CA THR B 61 15.28 -10.28 8.97
C THR B 61 15.61 -11.69 8.46
N ALA B 62 14.69 -12.31 7.73
CA ALA B 62 14.93 -13.65 7.20
C ALA B 62 15.96 -13.62 6.08
N LEU B 63 15.89 -12.61 5.21
CA LEU B 63 16.84 -12.52 4.10
C LEU B 63 18.27 -12.32 4.61
N ARG B 64 18.43 -11.49 5.64
CA ARG B 64 19.76 -11.29 6.21
C ARG B 64 20.25 -12.54 6.93
N ALA B 65 19.35 -13.30 7.54
CA ALA B 65 19.75 -14.55 8.17
C ALA B 65 20.27 -15.55 7.15
N LEU B 66 19.59 -15.65 5.99
CA LEU B 66 20.10 -16.48 4.91
C LEU B 66 21.42 -15.93 4.37
N LEU B 67 21.55 -14.61 4.32
CA LEU B 67 22.77 -13.99 3.81
C LEU B 67 23.98 -14.40 4.64
N GLU B 68 23.83 -14.45 5.96
CA GLU B 68 24.95 -14.82 6.82
C GLU B 68 25.37 -16.26 6.60
N ILE B 69 24.41 -17.15 6.32
CA ILE B 69 24.74 -18.55 6.08
C ILE B 69 25.50 -18.71 4.76
N ALA B 70 25.18 -17.88 3.77
CA ALA B 70 25.81 -18.00 2.45
C ALA B 70 27.24 -17.47 2.46
N LYS B 71 27.51 -16.43 3.24
CA LYS B 71 28.83 -15.79 3.22
C LYS B 71 29.90 -16.73 3.78
N ASP B 72 29.72 -17.18 5.01
CA ASP B 72 30.74 -17.99 5.68
C ASP B 72 30.84 -19.41 5.14
N GLY B 73 30.08 -19.75 4.10
CA GLY B 73 30.11 -21.07 3.52
C GLY B 73 30.76 -21.09 2.15
N GLY B 74 30.71 -22.27 1.52
CA GLY B 74 31.29 -22.44 0.21
C GLY B 74 30.44 -21.83 -0.89
N GLU B 75 31.01 -21.80 -2.10
CA GLU B 75 30.30 -21.25 -3.24
C GLU B 75 29.18 -22.18 -3.70
N GLU B 76 29.32 -23.48 -3.49
CA GLU B 76 28.22 -24.40 -3.77
C GLU B 76 27.04 -24.14 -2.86
N LEU B 77 27.30 -23.86 -1.58
CA LEU B 77 26.22 -23.53 -0.66
C LEU B 77 25.66 -22.14 -0.93
N ALA B 78 26.54 -21.20 -1.31
CA ALA B 78 26.09 -19.83 -1.55
C ALA B 78 25.07 -19.76 -2.68
N LEU B 79 25.29 -20.52 -3.76
CA LEU B 79 24.32 -20.55 -4.84
C LEU B 79 23.01 -21.19 -4.38
N ASP B 80 23.09 -22.18 -3.50
CA ASP B 80 21.87 -22.79 -2.96
C ASP B 80 21.12 -21.82 -2.07
N ILE B 81 21.84 -21.06 -1.23
CA ILE B 81 21.18 -20.09 -0.36
C ILE B 81 20.58 -18.97 -1.20
N ALA B 82 21.28 -18.51 -2.23
CA ALA B 82 20.79 -17.41 -3.04
C ALA B 82 19.49 -17.79 -3.76
N ARG B 83 19.38 -19.04 -4.20
CA ARG B 83 18.13 -19.49 -4.80
C ARG B 83 17.01 -19.52 -3.76
N ILE B 84 17.33 -19.92 -2.53
CA ILE B 84 16.34 -19.91 -1.46
C ILE B 84 15.98 -18.47 -1.08
N LEU B 85 16.99 -17.58 -1.06
CA LEU B 85 16.74 -16.20 -0.70
C LEU B 85 15.82 -15.52 -1.71
N ALA B 86 16.07 -15.75 -2.99
CA ALA B 86 15.26 -15.10 -4.03
C ALA B 86 13.82 -15.62 -4.01
N LYS B 87 13.64 -16.91 -3.75
CA LYS B 87 12.28 -17.46 -3.66
C LYS B 87 11.54 -16.89 -2.47
N LEU B 88 12.21 -16.78 -1.32
CA LEU B 88 11.57 -16.18 -0.15
C LEU B 88 11.26 -14.70 -0.38
N ALA B 89 12.14 -14.00 -1.11
CA ALA B 89 11.86 -12.61 -1.44
C ALA B 89 10.64 -12.48 -2.35
N GLU B 90 10.45 -13.46 -3.26
CA GLU B 90 9.26 -13.46 -4.09
C GLU B 90 8.00 -13.58 -3.23
N VAL B 91 7.98 -14.56 -2.33
CA VAL B 91 6.81 -14.79 -1.48
C VAL B 91 6.49 -13.55 -0.66
N ALA B 92 7.51 -12.91 -0.09
CA ALA B 92 7.28 -11.72 0.72
C ALA B 92 6.72 -10.58 -0.11
N LEU B 93 7.22 -10.41 -1.34
CA LEU B 93 6.68 -9.36 -2.21
C LEU B 93 5.23 -9.66 -2.61
N GLU B 94 4.92 -10.93 -2.88
CA GLU B 94 3.55 -11.30 -3.19
C GLU B 94 2.63 -11.07 -1.98
N VAL B 95 3.14 -11.31 -0.78
CA VAL B 95 2.36 -11.08 0.43
C VAL B 95 2.10 -9.59 0.62
N LEU B 96 3.11 -8.75 0.39
CA LEU B 96 2.93 -7.31 0.49
C LEU B 96 1.87 -6.82 -0.50
N LEU B 97 1.86 -7.38 -1.71
CA LEU B 97 0.85 -6.98 -2.69
C LEU B 97 -0.54 -7.38 -2.24
N LYS B 98 -0.68 -8.55 -1.64
CA LYS B 98 -1.99 -8.98 -1.14
C LYS B 98 -2.39 -8.22 0.12
N ASP B 99 -1.42 -7.85 0.95
CA ASP B 99 -1.73 -7.07 2.15
C ASP B 99 -2.08 -5.62 1.83
N GLY B 100 -1.84 -5.18 0.59
CA GLY B 100 -2.11 -3.80 0.23
C GLY B 100 -0.98 -2.84 0.53
N ALA B 101 0.27 -3.29 0.40
CA ALA B 101 1.41 -2.47 0.77
C ALA B 101 1.59 -1.30 -0.19
N SER B 102 2.30 -0.28 0.29
CA SER B 102 2.61 0.89 -0.51
C SER B 102 3.73 0.57 -1.48
N PRO B 103 3.85 1.35 -2.56
CA PRO B 103 5.00 1.15 -3.46
C PRO B 103 6.35 1.30 -2.78
N LYS B 104 6.45 2.22 -1.81
CA LYS B 104 7.73 2.47 -1.16
C LYS B 104 8.20 1.27 -0.35
N LEU B 105 7.29 0.62 0.38
CA LEU B 105 7.67 -0.55 1.16
C LEU B 105 8.05 -1.72 0.27
N ILE B 106 7.37 -1.88 -0.87
CA ILE B 106 7.77 -2.90 -1.84
C ILE B 106 9.16 -2.61 -2.38
N VAL B 107 9.46 -1.34 -2.64
CA VAL B 107 10.79 -0.96 -3.12
C VAL B 107 11.84 -1.27 -2.07
N ASP B 108 11.54 -0.97 -0.80
CA ASP B 108 12.51 -1.21 0.27
C ASP B 108 12.88 -2.69 0.36
N LEU B 109 11.87 -3.55 0.45
CA LEU B 109 12.13 -4.99 0.55
C LEU B 109 12.85 -5.50 -0.68
N ALA B 110 12.44 -5.02 -1.87
CA ALA B 110 13.10 -5.45 -3.10
C ALA B 110 14.58 -5.05 -3.10
N LYS B 111 14.87 -3.82 -2.68
CA LYS B 111 16.26 -3.38 -2.63
C LYS B 111 17.07 -4.17 -1.62
N THR B 112 16.48 -4.50 -0.47
CA THR B 112 17.17 -5.33 0.51
C THR B 112 17.55 -6.68 -0.08
N ALA B 113 16.64 -7.28 -0.86
CA ALA B 113 16.93 -8.58 -1.44
C ALA B 113 17.95 -8.47 -2.58
N LEU B 114 17.89 -7.39 -3.35
CA LEU B 114 18.86 -7.22 -4.44
C LEU B 114 20.26 -6.97 -3.90
N ARG B 115 20.37 -6.17 -2.83
CA ARG B 115 21.68 -5.93 -2.22
C ARG B 115 22.25 -7.20 -1.60
N ALA B 116 21.37 -8.05 -1.04
CA ALA B 116 21.84 -9.29 -0.43
C ALA B 116 22.43 -10.23 -1.47
N LEU B 117 21.78 -10.36 -2.63
CA LEU B 117 22.34 -11.16 -3.71
C LEU B 117 23.64 -10.56 -4.22
N LEU B 118 23.68 -9.24 -4.38
CA LEU B 118 24.91 -8.56 -4.80
C LEU B 118 26.04 -8.80 -3.80
N GLU B 119 25.71 -8.86 -2.51
CA GLU B 119 26.72 -9.10 -1.49
C GLU B 119 27.31 -10.50 -1.60
N ILE B 120 26.53 -11.46 -2.12
CA ILE B 120 27.05 -12.81 -2.30
C ILE B 120 27.93 -12.90 -3.54
N ALA B 121 27.54 -12.22 -4.62
CA ALA B 121 28.30 -12.30 -5.86
C ALA B 121 29.66 -11.63 -5.74
N GLU B 122 29.71 -10.46 -5.09
CA GLU B 122 30.97 -9.76 -4.91
C GLU B 122 31.95 -10.58 -4.08
N ASP B 123 31.46 -11.34 -3.11
CA ASP B 123 32.32 -12.13 -2.24
C ASP B 123 32.81 -13.41 -2.90
N GLY B 124 32.12 -13.89 -3.93
CA GLY B 124 32.44 -15.15 -4.56
C GLY B 124 33.24 -14.98 -5.84
N GLY B 125 33.34 -16.09 -6.58
CA GLY B 125 34.11 -16.13 -7.81
C GLY B 125 33.36 -15.58 -9.00
N GLU B 126 33.88 -15.89 -10.19
CA GLU B 126 33.33 -15.32 -11.42
C GLU B 126 32.16 -16.15 -11.93
N GLU B 127 32.26 -17.47 -11.89
CA GLU B 127 31.14 -18.31 -12.32
C GLU B 127 29.95 -18.17 -11.38
N LEU B 128 30.23 -18.04 -10.06
CA LEU B 128 29.15 -17.78 -9.12
C LEU B 128 28.52 -16.42 -9.36
N ALA B 129 29.33 -15.43 -9.72
CA ALA B 129 28.82 -14.08 -9.96
C ALA B 129 27.81 -14.07 -11.09
N LEU B 130 28.09 -14.81 -12.17
CA LEU B 130 27.15 -14.88 -13.29
C LEU B 130 25.86 -15.58 -12.86
N ASP B 131 25.98 -16.61 -12.02
CA ASP B 131 24.78 -17.30 -11.53
C ASP B 131 23.96 -16.39 -10.63
N ILE B 132 24.61 -15.56 -9.83
CA ILE B 132 23.88 -14.62 -8.98
C ILE B 132 23.25 -13.52 -9.81
N ALA B 133 23.96 -13.07 -10.84
CA ALA B 133 23.44 -11.99 -11.69
C ALA B 133 22.15 -12.40 -12.39
N GLU B 134 22.07 -13.66 -12.83
CA GLU B 134 20.83 -14.14 -13.44
C GLU B 134 19.71 -14.23 -12.42
N ILE B 135 20.03 -14.66 -11.20
CA ILE B 135 19.04 -14.71 -10.12
C ILE B 135 18.57 -13.30 -9.78
N LEU B 136 19.51 -12.34 -9.73
CA LEU B 136 19.16 -10.97 -9.39
C LEU B 136 18.25 -10.36 -10.43
N ALA B 137 18.50 -10.65 -11.71
CA ALA B 137 17.69 -10.07 -12.78
C ALA B 137 16.27 -10.64 -12.77
N GLU B 138 16.14 -11.94 -12.49
CA GLU B 138 14.81 -12.54 -12.39
C GLU B 138 14.02 -11.95 -11.23
N LEU B 139 14.67 -11.80 -10.06
CA LEU B 139 14.00 -11.21 -8.92
C LEU B 139 13.64 -9.75 -9.19
N ALA B 140 14.52 -9.02 -9.88
CA ALA B 140 14.20 -7.64 -10.23
C ALA B 140 12.98 -7.55 -11.13
N GLU B 141 12.84 -8.50 -12.07
CA GLU B 141 11.67 -8.52 -12.92
C GLU B 141 10.40 -8.77 -12.13
N VAL B 142 10.46 -9.69 -11.16
CA VAL B 142 9.30 -9.97 -10.31
C VAL B 142 8.91 -8.72 -9.54
N ALA B 143 9.90 -8.03 -8.95
CA ALA B 143 9.61 -6.84 -8.16
C ALA B 143 9.02 -5.73 -9.02
N LEU B 144 9.55 -5.54 -10.23
CA LEU B 144 9.03 -4.50 -11.11
C LEU B 144 7.58 -4.77 -11.49
N ARG B 145 7.23 -6.02 -11.74
CA ARG B 145 5.85 -6.35 -12.08
C ARG B 145 4.92 -6.27 -10.87
N VAL B 146 5.45 -6.55 -9.67
CA VAL B 146 4.67 -6.35 -8.46
C VAL B 146 4.39 -4.86 -8.24
N LEU B 147 5.41 -4.02 -8.49
CA LEU B 147 5.20 -2.57 -8.39
C LEU B 147 4.14 -2.10 -9.38
N LEU B 148 4.15 -2.64 -10.59
CA LEU B 148 3.15 -2.27 -11.58
C LEU B 148 1.75 -2.66 -11.13
N LYS B 149 1.60 -3.86 -10.58
CA LYS B 149 0.29 -4.30 -10.11
C LYS B 149 -0.17 -3.52 -8.88
N ASP B 150 0.77 -3.00 -8.09
CA ASP B 150 0.41 -2.26 -6.87
C ASP B 150 -0.04 -0.83 -7.16
N GLY B 151 0.15 -0.35 -8.38
CA GLY B 151 -0.18 1.02 -8.72
C GLY B 151 0.94 2.01 -8.56
N ALA B 152 2.19 1.55 -8.47
CA ALA B 152 3.32 2.43 -8.27
C ALA B 152 3.48 3.40 -9.44
N SER B 153 4.19 4.50 -9.18
CA SER B 153 4.43 5.51 -10.20
C SER B 153 5.65 5.12 -11.05
N PRO B 154 5.77 5.69 -12.25
CA PRO B 154 6.98 5.43 -13.05
C PRO B 154 8.26 5.87 -12.34
N LYS B 155 8.19 6.86 -11.46
CA LYS B 155 9.37 7.30 -10.73
C LYS B 155 9.93 6.18 -9.87
N LEU B 156 9.07 5.52 -9.09
CA LEU B 156 9.54 4.43 -8.22
C LEU B 156 9.90 3.19 -9.02
N ILE B 157 9.20 2.92 -10.12
CA ILE B 157 9.53 1.77 -10.95
C ILE B 157 10.90 1.97 -11.59
N GLU B 158 11.14 3.16 -12.16
CA GLU B 158 12.46 3.45 -12.72
C GLU B 158 13.54 3.47 -11.64
N ASP B 159 13.17 3.87 -10.41
CA ASP B 159 14.12 3.86 -9.31
C ASP B 159 14.58 2.44 -8.99
N LEU B 160 13.63 1.51 -8.83
CA LEU B 160 13.99 0.12 -8.55
C LEU B 160 14.75 -0.50 -9.72
N ALA B 161 14.39 -0.12 -10.95
CA ALA B 161 15.08 -0.65 -12.13
C ALA B 161 16.54 -0.23 -12.14
N LYS B 162 16.82 1.05 -11.85
CA LYS B 162 18.19 1.53 -11.86
C LYS B 162 19.02 0.86 -10.77
N THR B 163 18.44 0.63 -9.60
CA THR B 163 19.15 -0.08 -8.54
C THR B 163 19.57 -1.47 -8.99
N ALA B 164 18.69 -2.17 -9.70
CA ALA B 164 19.01 -3.51 -10.18
C ALA B 164 20.03 -3.45 -11.31
N LEU B 165 19.90 -2.48 -12.22
CA LEU B 165 20.88 -2.33 -13.29
C LEU B 165 22.25 -1.96 -12.74
N ASP B 166 22.29 -1.10 -11.72
CA ASP B 166 23.56 -0.75 -11.10
C ASP B 166 24.19 -1.95 -10.39
N ALA B 167 23.36 -2.78 -9.77
CA ALA B 167 23.88 -3.97 -9.09
C ALA B 167 24.52 -4.92 -10.09
N LEU B 168 23.93 -5.04 -11.29
CA LEU B 168 24.52 -5.91 -12.31
C LEU B 168 25.83 -5.33 -12.85
N GLU B 169 25.89 -4.00 -13.02
CA GLU B 169 27.14 -3.37 -13.42
C GLU B 169 28.20 -3.50 -12.34
N GLU B 170 27.77 -3.46 -11.07
CA GLU B 170 28.72 -3.58 -9.97
C GLU B 170 29.37 -4.96 -9.93
N ILE B 171 28.67 -5.98 -10.42
CA ILE B 171 29.26 -7.32 -10.50
C ILE B 171 30.30 -7.37 -11.62
N ALA B 172 30.04 -6.68 -12.73
CA ALA B 172 30.92 -6.75 -13.89
C ALA B 172 32.19 -5.94 -13.71
N ARG B 173 32.22 -4.99 -12.75
CA ARG B 173 33.39 -4.16 -12.56
C ARG B 173 34.60 -4.98 -12.11
N ASP B 174 34.38 -5.95 -11.23
CA ASP B 174 35.45 -6.79 -10.70
C ASP B 174 35.56 -8.12 -11.44
N GLY B 175 35.38 -8.10 -12.77
CA GLY B 175 35.44 -9.32 -13.55
C GLY B 175 36.14 -9.08 -14.87
N GLY B 176 36.44 -10.19 -15.56
CA GLY B 176 37.10 -10.13 -16.84
C GLY B 176 36.16 -9.71 -17.95
N GLU B 177 36.69 -9.73 -19.17
CA GLU B 177 35.89 -9.36 -20.34
C GLU B 177 34.80 -10.37 -20.60
N GLU B 178 35.08 -11.66 -20.36
CA GLU B 178 34.08 -12.69 -20.60
C GLU B 178 32.88 -12.54 -19.66
N LEU B 179 33.12 -12.07 -18.43
CA LEU B 179 32.01 -11.82 -17.50
C LEU B 179 31.26 -10.55 -17.85
N ALA B 180 31.93 -9.56 -18.44
CA ALA B 180 31.29 -8.29 -18.76
C ALA B 180 30.19 -8.48 -19.79
N GLU B 181 30.49 -9.14 -20.90
CA GLU B 181 29.49 -9.35 -21.93
C GLU B 181 28.47 -10.41 -21.54
N ASP B 182 28.79 -11.26 -20.57
CA ASP B 182 27.78 -12.16 -20.01
C ASP B 182 26.79 -11.40 -19.13
N ILE B 183 27.22 -10.28 -18.56
CA ILE B 183 26.31 -9.43 -17.80
C ILE B 183 25.65 -8.39 -18.71
N ASP B 184 26.34 -7.96 -19.77
CA ASP B 184 25.75 -6.99 -20.69
C ASP B 184 24.48 -7.53 -21.33
N ARG B 185 24.47 -8.82 -21.68
CA ARG B 185 23.24 -9.41 -22.21
C ARG B 185 22.16 -9.47 -21.15
N ILE B 186 22.53 -9.66 -19.88
CA ILE B 186 21.55 -9.64 -18.80
C ILE B 186 21.00 -8.23 -18.60
N LEU B 187 21.86 -7.21 -18.75
CA LEU B 187 21.42 -5.83 -18.60
C LEU B 187 20.43 -5.44 -19.69
N ARG B 188 20.69 -5.85 -20.93
CA ARG B 188 19.78 -5.50 -22.02
C ARG B 188 18.41 -6.13 -21.84
N LYS B 189 18.37 -7.36 -21.33
CA LYS B 189 17.09 -8.02 -21.09
C LYS B 189 16.32 -7.36 -19.95
N LEU B 190 17.03 -6.95 -18.90
CA LEU B 190 16.36 -6.27 -17.80
C LEU B 190 15.89 -4.87 -18.18
N GLU B 191 16.66 -4.17 -19.03
CA GLU B 191 16.20 -2.88 -19.53
C GLU B 191 14.98 -3.04 -20.42
N LYS B 192 14.92 -4.13 -21.19
CA LYS B 192 13.75 -4.42 -22.00
C LYS B 192 12.51 -4.61 -21.13
N VAL B 193 12.66 -5.37 -20.04
CA VAL B 193 11.53 -5.60 -19.13
C VAL B 193 11.11 -4.28 -18.47
N ALA B 194 12.10 -3.50 -18.01
CA ALA B 194 11.78 -2.23 -17.36
C ALA B 194 11.11 -1.27 -18.33
N ARG B 195 11.52 -1.29 -19.60
CA ARG B 195 10.89 -0.42 -20.58
C ARG B 195 9.45 -0.83 -20.85
N ASP B 196 9.18 -2.14 -20.87
CA ASP B 196 7.81 -2.61 -21.09
C ASP B 196 6.91 -2.26 -19.91
N VAL B 197 7.41 -2.44 -18.69
CA VAL B 197 6.62 -2.13 -17.50
C VAL B 197 6.31 -0.64 -17.43
N LEU B 198 7.27 0.20 -17.82
CA LEU B 198 7.06 1.65 -17.76
C LEU B 198 6.11 2.13 -18.85
N ARG B 199 6.09 1.45 -20.01
CA ARG B 199 5.20 1.87 -21.08
C ARG B 199 3.74 1.60 -20.74
N LYS B 200 3.47 0.49 -20.05
CA LYS B 200 2.13 0.24 -19.54
C LYS B 200 1.76 1.20 -18.42
N ASP B 201 2.71 1.95 -17.90
CA ASP B 201 2.47 2.90 -16.82
C ASP B 201 2.83 4.31 -17.27
#